data_9FAE
#
_entry.id   9FAE
#
_cell.length_a   51.129
_cell.length_b   98.644
_cell.length_c   99.826
_cell.angle_alpha   90.000
_cell.angle_beta   90.000
_cell.angle_gamma   90.000
#
_symmetry.space_group_name_H-M   'P 21 21 21'
#
loop_
_entity.id
_entity.type
_entity.pdbx_description
1 polymer Fiber
2 branched '4-O-acetyl-5-acetamido-3,5-dideoxy-D-glycero-alpha-D-galacto-non-2-ulopyranosonic acid-(2-3)-beta-D-galactopyranose'
3 non-polymer '4-O-acetyl-5-acetamido-3,5-dideoxy-D-glycero-alpha-D-galacto-non-2-ulopyranosonic acid'
4 water water
#
_entity_poly.entity_id   1
_entity_poly.type   'polypeptide(L)'
_entity_poly.pdbx_seq_one_letter_code
;MSKRLRVEDDFNPVYPYGYARNQNIPFLTPPFVSSDGFQNFPPGVLSLKLADPIAIANGNVSLKVGGGLTVEQQSGKLSV
DTKAPLQVANDNKLELSYDDPFKVENNKLGIKAGHGLAVVTKENTSLPSLVGTLVVLTGKGIGTGSSAHGGTIDVRLGEG
GGLSFDEKGDLVAWDKKNDTRTLWTTPDPSPNCKVETARDSKLTLALTKCGSQILATVSLLVVTGKYAIISDTVNPKQFS
IKLLFNDKGVLLSDSNLDGTYWNYRSNNNNIGTPYKEAVGFMPSTTAYPKPTNNTSTDPDKKVSQGKNKIVSNIYLGGEV
YQPGFIVVKFNQETDANCAYSITFDFGWGKVYKDPIPYDTSSFTFSYIAQE
;
_entity_poly.pdbx_strand_id   A,B,C
#
# COMPACT_ATOMS: atom_id res chain seq x y z
N ASP A 179 15.66 16.15 -10.86
CA ASP A 179 14.78 15.02 -11.15
C ASP A 179 13.34 15.45 -11.07
N THR A 180 12.73 15.68 -12.25
CA THR A 180 11.37 16.20 -12.33
C THR A 180 10.33 15.20 -11.87
N ARG A 181 10.70 13.96 -11.53
CA ARG A 181 9.73 12.93 -11.15
C ARG A 181 9.61 12.76 -9.66
N THR A 182 10.41 13.46 -8.84
CA THR A 182 10.34 13.32 -7.39
C THR A 182 10.28 14.69 -6.74
N LEU A 183 9.31 14.85 -5.85
CA LEU A 183 9.22 16.05 -5.03
C LEU A 183 9.30 15.56 -3.60
N TRP A 184 10.17 16.13 -2.77
CA TRP A 184 10.28 15.56 -1.43
C TRP A 184 10.81 16.56 -0.41
N THR A 185 10.83 16.12 0.83
CA THR A 185 11.40 16.85 1.95
C THR A 185 12.90 16.72 2.06
N THR A 186 13.55 15.95 1.15
CA THR A 186 14.87 15.28 1.30
C THR A 186 14.67 14.10 2.24
N PRO A 187 15.49 13.05 2.10
CA PRO A 187 15.27 11.82 2.86
C PRO A 187 15.69 11.88 4.31
N ASP A 188 16.55 12.80 4.72
CA ASP A 188 16.97 12.87 6.12
C ASP A 188 16.84 14.32 6.56
N PRO A 189 15.60 14.81 6.68
CA PRO A 189 15.41 16.26 6.92
C PRO A 189 15.79 16.69 8.33
N SER A 190 16.21 17.96 8.45
N SER A 190 16.20 17.94 8.45
CA SER A 190 16.27 18.61 9.73
CA SER A 190 16.27 18.56 9.76
C SER A 190 14.84 18.90 10.19
C SER A 190 14.85 18.89 10.20
N PRO A 191 14.64 19.37 11.45
CA PRO A 191 13.27 19.67 11.88
C PRO A 191 12.58 20.62 10.90
N ASN A 192 11.44 20.17 10.38
CA ASN A 192 10.86 20.84 9.23
C ASN A 192 9.34 20.93 9.33
N CYS A 193 8.73 20.59 10.48
CA CYS A 193 7.29 20.41 10.48
C CYS A 193 6.71 20.78 11.83
N LYS A 194 5.58 21.49 11.80
CA LYS A 194 4.84 21.88 12.99
C LYS A 194 3.84 20.80 13.35
N VAL A 195 3.96 20.24 14.55
CA VAL A 195 2.91 19.43 15.10
C VAL A 195 2.20 20.25 16.17
N GLU A 196 2.94 20.73 17.17
CA GLU A 196 2.41 21.67 18.15
CA GLU A 196 2.38 21.69 18.11
C GLU A 196 2.95 23.08 17.93
N THR A 197 4.26 23.21 17.73
CA THR A 197 4.89 24.49 17.46
C THR A 197 5.81 24.30 16.26
N ALA A 198 6.26 25.42 15.67
CA ALA A 198 6.93 25.31 14.39
C ALA A 198 8.21 24.47 14.51
N ARG A 199 8.41 23.57 13.55
CA ARG A 199 9.65 22.80 13.41
C ARG A 199 9.96 21.98 14.66
N ASP A 200 8.90 21.46 15.29
CA ASP A 200 9.09 20.55 16.41
C ASP A 200 9.14 19.10 15.94
N SER A 201 9.08 18.85 14.64
N SER A 201 9.06 18.85 14.63
CA SER A 201 9.07 17.48 14.16
CA SER A 201 8.98 17.50 14.10
C SER A 201 9.79 17.39 12.82
C SER A 201 9.76 17.40 12.79
N LYS A 202 10.05 16.15 12.40
CA LYS A 202 10.72 15.81 11.15
C LYS A 202 9.73 14.99 10.34
N LEU A 203 9.15 15.59 9.30
CA LEU A 203 8.31 14.85 8.38
C LEU A 203 9.15 14.44 7.19
N THR A 204 9.24 13.14 6.93
CA THR A 204 9.90 12.67 5.71
C THR A 204 8.80 12.28 4.73
N LEU A 205 8.74 12.96 3.59
CA LEU A 205 7.69 12.75 2.59
C LEU A 205 8.36 12.74 1.24
N ALA A 206 8.16 11.66 0.48
CA ALA A 206 8.60 11.65 -0.91
C ALA A 206 7.40 11.36 -1.81
N LEU A 207 7.24 12.18 -2.85
CA LEU A 207 6.18 12.02 -3.86
C LEU A 207 6.89 11.68 -5.15
N THR A 208 6.54 10.56 -5.75
CA THR A 208 7.15 10.18 -7.02
C THR A 208 6.09 10.05 -8.08
N LYS A 209 6.32 10.68 -9.23
CA LYS A 209 5.29 10.72 -10.27
C LYS A 209 5.40 9.46 -11.13
N CYS A 210 4.32 8.68 -11.15
CA CYS A 210 4.16 7.53 -12.04
C CYS A 210 3.02 7.86 -12.99
N GLY A 211 3.33 8.60 -14.05
CA GLY A 211 2.27 9.12 -14.90
C GLY A 211 1.20 9.83 -14.10
N SER A 212 -0.04 9.40 -14.30
CA SER A 212 -1.17 10.10 -13.70
C SER A 212 -1.43 9.68 -12.26
N GLN A 213 -0.56 8.86 -11.65
CA GLN A 213 -0.69 8.56 -10.23
C GLN A 213 0.59 8.95 -9.51
N ILE A 214 0.45 9.47 -8.30
CA ILE A 214 1.59 9.78 -7.46
C ILE A 214 1.77 8.64 -6.47
N LEU A 215 3.00 8.16 -6.34
CA LEU A 215 3.34 7.16 -5.34
C LEU A 215 4.07 7.89 -4.23
N ALA A 216 3.60 7.71 -2.99
CA ALA A 216 4.10 8.49 -1.88
C ALA A 216 4.54 7.59 -0.74
N THR A 217 5.55 8.04 0.00
CA THR A 217 5.86 7.43 1.29
C THR A 217 6.04 8.53 2.32
N VAL A 218 5.50 8.30 3.52
CA VAL A 218 5.54 9.34 4.54
C VAL A 218 5.84 8.72 5.90
N SER A 219 6.61 9.43 6.71
N SER A 219 6.62 9.44 6.71
CA SER A 219 6.86 9.02 8.08
CA SER A 219 6.94 9.02 8.07
C SER A 219 7.03 10.29 8.90
C SER A 219 7.15 10.27 8.92
N LEU A 220 6.74 10.21 10.19
CA LEU A 220 6.83 11.37 11.07
C LEU A 220 7.58 11.02 12.34
N LEU A 221 8.60 11.84 12.69
CA LEU A 221 9.25 11.76 14.00
C LEU A 221 8.98 13.09 14.72
N VAL A 222 8.22 13.05 15.82
CA VAL A 222 8.06 14.28 16.59
C VAL A 222 9.27 14.38 17.50
N VAL A 223 9.97 15.51 17.43
CA VAL A 223 11.27 15.65 18.09
C VAL A 223 11.14 16.32 19.45
N THR A 224 10.39 17.42 19.53
CA THR A 224 10.23 18.15 20.78
C THR A 224 8.76 18.43 21.06
N GLY A 225 8.48 18.79 22.30
CA GLY A 225 7.17 19.30 22.63
C GLY A 225 6.18 18.26 23.05
N LYS A 226 4.92 18.69 23.03
CA LYS A 226 3.81 17.96 23.61
C LYS A 226 3.70 16.54 23.06
N TYR A 227 3.90 16.37 21.75
CA TYR A 227 3.67 15.06 21.15
C TYR A 227 4.95 14.28 20.90
N ALA A 228 6.10 14.74 21.41
CA ALA A 228 7.33 13.97 21.19
C ALA A 228 7.23 12.60 21.87
N ILE A 229 6.71 12.55 23.10
CA ILE A 229 6.52 11.33 23.86
C ILE A 229 5.09 11.34 24.35
N ILE A 230 4.30 10.36 23.93
CA ILE A 230 2.86 10.37 24.22
C ILE A 230 2.53 9.29 25.24
N SER A 231 1.36 9.46 25.85
CA SER A 231 0.79 8.48 26.75
C SER A 231 -0.70 8.75 26.79
N ASP A 232 -1.41 7.99 27.62
CA ASP A 232 -2.86 8.12 27.65
C ASP A 232 -3.30 9.46 28.26
N THR A 233 -2.42 10.15 28.97
CA THR A 233 -2.81 11.43 29.55
C THR A 233 -2.57 12.60 28.61
N VAL A 234 -2.05 12.37 27.42
CA VAL A 234 -1.90 13.44 26.42
C VAL A 234 -3.20 13.53 25.65
N ASN A 235 -3.79 14.73 25.58
CA ASN A 235 -5.00 14.98 24.76
C ASN A 235 -4.84 16.31 24.02
N PRO A 236 -5.49 16.45 22.85
CA PRO A 236 -6.21 15.43 22.08
C PRO A 236 -5.27 14.39 21.52
N LYS A 237 -5.83 13.25 21.11
CA LYS A 237 -4.97 12.18 20.60
C LYS A 237 -4.93 12.19 19.08
N GLN A 238 -4.93 13.38 18.51
CA GLN A 238 -4.77 13.57 17.07
C GLN A 238 -4.23 14.97 16.85
N PHE A 239 -3.51 15.15 15.74
CA PHE A 239 -3.07 16.46 15.32
C PHE A 239 -2.98 16.44 13.80
N SER A 240 -2.94 17.62 13.18
CA SER A 240 -3.05 17.71 11.75
C SER A 240 -1.88 18.47 11.17
N ILE A 241 -1.32 17.94 10.08
CA ILE A 241 -0.19 18.56 9.39
C ILE A 241 -0.69 18.93 8.00
N LYS A 242 -0.81 20.23 7.69
CA LYS A 242 -1.33 20.63 6.40
C LYS A 242 -0.19 21.03 5.47
N LEU A 243 -0.24 20.50 4.25
CA LEU A 243 0.55 21.00 3.13
C LEU A 243 -0.40 21.72 2.18
N LEU A 244 -0.21 23.02 2.04
CA LEU A 244 -1.11 23.85 1.24
C LEU A 244 -0.37 24.30 0.01
N PHE A 245 -1.02 24.19 -1.16
CA PHE A 245 -0.38 24.56 -2.41
C PHE A 245 -1.21 25.55 -3.20
N ASN A 246 -0.52 26.40 -3.95
CA ASN A 246 -1.23 27.30 -4.85
C ASN A 246 -1.51 26.61 -6.19
N ASP A 247 -2.00 27.37 -7.15
CA ASP A 247 -2.44 26.79 -8.43
C ASP A 247 -1.27 26.34 -9.32
N LYS A 248 -0.03 26.66 -8.95
CA LYS A 248 1.16 26.12 -9.60
C LYS A 248 1.75 24.95 -8.84
N GLY A 249 1.11 24.53 -7.75
CA GLY A 249 1.65 23.44 -6.94
C GLY A 249 2.79 23.85 -6.02
N VAL A 250 2.98 25.15 -5.76
CA VAL A 250 4.01 25.67 -4.88
C VAL A 250 3.48 25.63 -3.44
N LEU A 251 4.33 25.19 -2.51
CA LEU A 251 3.95 25.11 -1.09
C LEU A 251 3.79 26.49 -0.48
N LEU A 252 2.62 26.76 0.09
CA LEU A 252 2.32 28.06 0.71
C LEU A 252 2.86 28.11 2.14
N SER A 253 3.33 29.31 2.55
CA SER A 253 4.03 29.44 3.82
C SER A 253 3.18 29.12 5.05
N ASP A 254 1.86 29.16 4.95
CA ASP A 254 1.05 28.77 6.11
C ASP A 254 1.05 27.26 6.35
N SER A 255 1.63 26.48 5.46
CA SER A 255 1.68 25.04 5.65
C SER A 255 2.44 24.70 6.93
N ASN A 256 2.06 23.57 7.55
CA ASN A 256 2.83 23.10 8.71
C ASN A 256 4.23 22.66 8.32
N LEU A 257 4.40 22.23 7.07
CA LEU A 257 5.70 21.81 6.57
C LEU A 257 6.47 23.04 6.14
N ASP A 258 7.67 23.18 6.71
CA ASP A 258 8.55 24.27 6.31
C ASP A 258 8.95 24.10 4.85
N GLY A 259 8.96 25.21 4.10
CA GLY A 259 9.25 25.08 2.68
C GLY A 259 10.70 25.14 2.27
N THR A 260 11.62 25.31 3.20
CA THR A 260 13.02 25.57 2.85
C THR A 260 13.60 24.46 1.98
N TYR A 261 13.35 23.22 2.34
CA TYR A 261 13.96 22.09 1.63
C TYR A 261 12.92 21.20 0.95
N TRP A 262 11.71 21.70 0.77
CA TRP A 262 10.69 21.03 -0.03
C TRP A 262 10.92 21.37 -1.49
N ASN A 263 11.34 20.40 -2.28
CA ASN A 263 11.81 20.71 -3.63
C ASN A 263 11.94 19.42 -4.42
N TYR A 264 12.15 19.58 -5.72
CA TYR A 264 12.47 18.42 -6.55
C TYR A 264 13.78 17.83 -6.07
N ARG A 265 13.87 16.53 -6.20
CA ARG A 265 15.11 15.83 -5.92
C ARG A 265 16.21 16.37 -6.83
N SER A 266 17.33 16.74 -6.22
CA SER A 266 18.44 17.27 -7.02
C SER A 266 19.69 16.41 -6.88
N THR A 273 17.43 26.61 -5.67
CA THR A 273 16.38 27.41 -6.28
C THR A 273 14.99 26.80 -6.01
N PRO A 274 14.09 27.58 -5.41
CA PRO A 274 12.72 27.05 -5.20
C PRO A 274 12.04 26.79 -6.54
N TYR A 275 11.32 25.67 -6.62
CA TYR A 275 10.71 25.30 -7.87
C TYR A 275 9.54 26.22 -8.23
N LYS A 276 9.25 26.29 -9.52
CA LYS A 276 8.25 27.21 -10.01
C LYS A 276 6.90 26.54 -10.20
N GLU A 277 6.89 25.24 -10.50
CA GLU A 277 5.60 24.59 -10.61
C GLU A 277 5.75 23.09 -10.40
N ALA A 278 4.68 22.50 -9.89
CA ALA A 278 4.63 21.06 -9.66
C ALA A 278 3.18 20.59 -9.73
N VAL A 279 2.43 21.10 -10.70
CA VAL A 279 1.00 20.77 -10.79
C VAL A 279 0.80 19.27 -10.96
N GLY A 280 1.71 18.61 -11.67
CA GLY A 280 1.58 17.17 -11.87
C GLY A 280 1.75 16.34 -10.62
N PHE A 281 2.13 16.95 -9.49
CA PHE A 281 2.18 16.24 -8.22
C PHE A 281 0.94 16.48 -7.37
N MET A 282 0.04 17.31 -7.81
CA MET A 282 -1.04 17.78 -6.97
C MET A 282 -2.17 16.77 -7.04
N PRO A 283 -2.86 16.52 -5.93
CA PRO A 283 -4.01 15.60 -5.97
C PRO A 283 -5.11 16.20 -6.84
N SER A 284 -5.63 15.38 -7.77
CA SER A 284 -6.68 15.84 -8.69
C SER A 284 -7.84 16.49 -7.94
N THR A 285 -8.25 17.70 -8.40
CA THR A 285 -9.48 18.28 -7.84
C THR A 285 -10.74 17.72 -8.52
N THR A 286 -10.60 16.88 -9.51
CA THR A 286 -11.75 16.19 -10.05
C THR A 286 -11.96 14.89 -9.29
N ALA A 287 -10.89 14.13 -9.04
CA ALA A 287 -11.04 12.94 -8.20
C ALA A 287 -11.39 13.33 -6.77
N TYR A 288 -10.82 14.43 -6.28
CA TYR A 288 -10.85 14.78 -4.87
C TYR A 288 -11.24 16.25 -4.77
N PRO A 289 -12.50 16.57 -5.03
CA PRO A 289 -12.90 17.99 -5.02
C PRO A 289 -12.85 18.59 -3.62
N LYS A 290 -12.61 19.89 -3.59
CA LYS A 290 -12.76 20.61 -2.35
C LYS A 290 -14.22 20.49 -1.88
N PRO A 291 -14.44 20.51 -0.57
CA PRO A 291 -15.82 20.46 -0.05
C PRO A 291 -16.68 21.58 -0.59
N THR A 292 -17.98 21.28 -0.75
CA THR A 292 -18.98 22.27 -1.12
C THR A 292 -19.99 22.42 0.01
N ASP A 298 -31.23 14.03 -3.77
CA ASP A 298 -30.82 13.29 -4.98
C ASP A 298 -29.60 12.34 -4.74
N PRO A 299 -29.87 11.02 -4.77
CA PRO A 299 -28.77 10.04 -4.64
C PRO A 299 -27.62 10.25 -5.62
N ASP A 300 -27.91 10.79 -6.80
CA ASP A 300 -26.85 10.97 -7.77
C ASP A 300 -26.06 12.25 -7.52
N LYS A 301 -26.49 13.08 -6.58
CA LYS A 301 -25.75 14.28 -6.19
C LYS A 301 -24.95 14.11 -4.91
N LYS A 302 -25.09 12.99 -4.19
CA LYS A 302 -24.29 12.78 -2.99
C LYS A 302 -22.82 12.78 -3.35
N VAL A 303 -22.03 13.56 -2.61
CA VAL A 303 -20.57 13.61 -2.80
C VAL A 303 -19.91 12.68 -1.81
N SER A 304 -18.96 11.86 -2.30
CA SER A 304 -18.21 10.96 -1.41
C SER A 304 -17.44 11.73 -0.35
N GLN A 305 -17.64 11.37 0.92
CA GLN A 305 -16.82 11.91 2.00
C GLN A 305 -15.60 11.05 2.27
N GLY A 306 -15.59 9.86 1.73
CA GLY A 306 -14.47 8.97 1.98
C GLY A 306 -13.38 9.07 0.96
N LYS A 307 -13.70 9.34 -0.33
CA LYS A 307 -12.70 9.05 -1.37
C LYS A 307 -11.50 9.97 -1.28
N ASN A 308 -11.66 11.16 -0.69
CA ASN A 308 -10.51 12.06 -0.60
C ASN A 308 -9.61 11.74 0.61
N LYS A 309 -9.87 10.64 1.30
CA LYS A 309 -9.10 10.24 2.48
C LYS A 309 -8.52 8.86 2.30
N ILE A 310 -7.32 8.67 2.83
CA ILE A 310 -6.70 7.36 2.96
C ILE A 310 -6.42 7.17 4.43
N VAL A 311 -6.94 6.08 5.01
CA VAL A 311 -6.90 5.86 6.46
C VAL A 311 -6.26 4.51 6.74
N SER A 312 -5.27 4.50 7.63
CA SER A 312 -4.65 3.23 7.95
C SER A 312 -4.01 3.31 9.32
N ASN A 313 -3.64 2.16 9.84
CA ASN A 313 -2.78 2.16 11.01
C ASN A 313 -1.34 2.42 10.60
N ILE A 314 -0.62 3.14 11.47
CA ILE A 314 0.84 3.08 11.48
C ILE A 314 1.21 2.59 12.87
N TYR A 315 2.51 2.34 13.06
CA TYR A 315 2.95 1.68 14.29
C TYR A 315 4.10 2.48 14.87
N LEU A 316 3.94 2.91 16.13
CA LEU A 316 4.98 3.75 16.71
C LEU A 316 6.24 2.92 16.99
N GLY A 317 7.38 3.46 16.58
CA GLY A 317 8.63 2.73 16.68
C GLY A 317 8.65 1.49 15.80
N GLY A 318 7.68 1.38 14.89
CA GLY A 318 7.56 0.15 14.11
C GLY A 318 7.20 -1.09 14.92
N GLU A 319 6.68 -0.92 16.13
CA GLU A 319 6.30 -2.06 16.98
C GLU A 319 4.85 -2.49 16.72
N VAL A 320 4.64 -3.79 16.51
CA VAL A 320 3.31 -4.26 16.16
C VAL A 320 2.30 -4.01 17.27
N TYR A 321 2.74 -3.88 18.52
CA TYR A 321 1.85 -3.66 19.65
C TYR A 321 1.70 -2.17 19.99
N GLN A 322 2.16 -1.28 19.11
CA GLN A 322 2.00 0.17 19.33
C GLN A 322 1.33 0.83 18.14
N PRO A 323 0.10 0.42 17.82
CA PRO A 323 -0.64 1.08 16.72
C PRO A 323 -0.98 2.53 17.02
N GLY A 324 -0.91 3.33 15.97
CA GLY A 324 -1.49 4.66 15.89
C GLY A 324 -2.24 4.70 14.56
N PHE A 325 -2.62 5.86 14.09
CA PHE A 325 -3.32 5.94 12.81
C PHE A 325 -2.80 7.14 12.04
N ILE A 326 -2.96 7.07 10.73
CA ILE A 326 -2.71 8.17 9.80
C ILE A 326 -3.97 8.34 8.96
N VAL A 327 -4.37 9.60 8.74
CA VAL A 327 -5.41 9.92 7.77
C VAL A 327 -4.78 10.88 6.77
N VAL A 328 -4.65 10.46 5.52
CA VAL A 328 -4.17 11.36 4.47
C VAL A 328 -5.40 11.96 3.81
N LYS A 329 -5.46 13.29 3.68
CA LYS A 329 -6.66 13.91 3.13
C LYS A 329 -6.28 14.80 1.97
N PHE A 330 -6.97 14.67 0.84
CA PHE A 330 -6.67 15.47 -0.35
C PHE A 330 -7.68 16.59 -0.56
N ASN A 331 -7.15 17.81 -0.69
CA ASN A 331 -7.91 19.02 -1.07
C ASN A 331 -9.04 19.34 -0.10
N GLN A 332 -8.85 19.00 1.18
CA GLN A 332 -9.89 19.26 2.14
C GLN A 332 -9.71 20.57 2.88
N GLU A 333 -8.56 21.23 2.72
CA GLU A 333 -8.31 22.52 3.38
C GLU A 333 -8.76 23.67 2.51
N THR A 334 -9.04 24.82 3.15
CA THR A 334 -9.23 26.09 2.45
C THR A 334 -8.20 27.15 2.84
N ASP A 335 -7.41 26.88 3.88
CA ASP A 335 -6.47 27.86 4.43
C ASP A 335 -5.58 28.44 3.35
N ALA A 336 -5.27 29.73 3.49
CA ALA A 336 -4.37 30.46 2.58
C ALA A 336 -4.86 30.46 1.14
N ASN A 337 -6.16 30.26 0.94
CA ASN A 337 -6.71 30.25 -0.42
C ASN A 337 -6.04 29.19 -1.29
N CYS A 338 -5.67 28.07 -0.67
CA CYS A 338 -4.99 27.00 -1.39
C CYS A 338 -5.79 26.50 -2.59
N ALA A 339 -5.08 26.15 -3.67
CA ALA A 339 -5.72 25.47 -4.78
C ALA A 339 -5.74 23.97 -4.58
N TYR A 340 -4.74 23.46 -3.85
CA TYR A 340 -4.60 22.03 -3.53
C TYR A 340 -4.17 21.89 -2.08
N SER A 341 -4.40 20.71 -1.50
CA SER A 341 -3.81 20.46 -0.20
C SER A 341 -3.62 18.95 0.00
N ILE A 342 -2.65 18.63 0.84
CA ILE A 342 -2.49 17.27 1.37
C ILE A 342 -2.37 17.44 2.86
N THR A 343 -3.29 16.83 3.60
CA THR A 343 -3.26 16.93 5.06
C THR A 343 -2.94 15.57 5.63
N PHE A 344 -2.08 15.53 6.63
CA PHE A 344 -1.83 14.30 7.37
C PHE A 344 -2.37 14.48 8.77
N ASP A 345 -3.40 13.72 9.12
CA ASP A 345 -3.81 13.62 10.52
C ASP A 345 -3.15 12.40 11.12
N PHE A 346 -2.45 12.60 12.21
CA PHE A 346 -1.84 11.49 12.95
C PHE A 346 -2.47 11.39 14.32
N GLY A 347 -2.64 10.19 14.83
CA GLY A 347 -3.13 10.06 16.19
C GLY A 347 -2.96 8.65 16.70
N TRP A 348 -3.67 8.38 17.80
CA TRP A 348 -3.69 7.02 18.32
C TRP A 348 -4.94 6.89 19.17
N GLY A 349 -5.26 5.63 19.51
CA GLY A 349 -6.43 5.36 20.34
C GLY A 349 -6.17 4.33 21.43
N LYS A 350 -5.20 3.46 21.21
CA LYS A 350 -4.86 2.45 22.22
C LYS A 350 -4.38 3.15 23.48
N VAL A 351 -4.69 2.55 24.63
CA VAL A 351 -4.24 3.08 25.93
C VAL A 351 -2.75 2.75 26.14
N TYR A 352 -1.91 3.78 26.28
CA TYR A 352 -0.47 3.63 26.55
C TYR A 352 -0.18 4.23 27.92
N LYS A 353 0.09 3.38 28.91
CA LYS A 353 0.40 3.94 30.21
C LYS A 353 1.88 4.22 30.35
N ASP A 354 2.70 3.51 29.61
CA ASP A 354 4.12 3.81 29.59
C ASP A 354 4.41 4.71 28.40
N PRO A 355 5.13 5.81 28.60
CA PRO A 355 5.22 6.84 27.54
C PRO A 355 6.09 6.35 26.41
N ILE A 356 5.67 6.67 25.18
CA ILE A 356 6.41 6.21 24.00
C ILE A 356 6.50 7.31 22.97
N PRO A 357 7.61 7.33 22.24
CA PRO A 357 7.83 8.39 21.24
C PRO A 357 6.88 8.27 20.07
N TYR A 358 6.35 9.42 19.64
CA TYR A 358 5.50 9.47 18.44
C TYR A 358 6.43 9.47 17.23
N ASP A 359 6.73 8.27 16.76
CA ASP A 359 7.79 8.05 15.79
C ASP A 359 7.24 6.97 14.86
N THR A 360 6.72 7.37 13.70
CA THR A 360 5.84 6.45 12.98
C THR A 360 6.59 5.54 12.02
N SER A 361 6.06 4.34 11.86
CA SER A 361 6.48 3.49 10.75
C SER A 361 6.14 4.17 9.43
N SER A 362 6.90 3.86 8.39
CA SER A 362 6.61 4.49 7.11
C SER A 362 5.33 3.97 6.50
N PHE A 363 4.60 4.87 5.82
CA PHE A 363 3.32 4.52 5.21
C PHE A 363 3.35 4.86 3.73
N THR A 364 2.99 3.87 2.88
CA THR A 364 2.91 4.05 1.43
C THR A 364 1.47 4.34 1.02
N PHE A 365 1.30 5.27 0.08
CA PHE A 365 -0.03 5.49 -0.47
C PHE A 365 0.12 6.02 -1.88
N SER A 366 -1.01 6.08 -2.60
CA SER A 366 -0.98 6.71 -3.92
C SER A 366 -2.24 7.53 -4.12
N TYR A 367 -2.21 8.40 -5.14
CA TYR A 367 -3.40 9.20 -5.44
C TYR A 367 -3.37 9.65 -6.88
N ILE A 368 -4.57 9.92 -7.40
CA ILE A 368 -4.72 10.39 -8.77
C ILE A 368 -4.19 11.82 -8.85
N ALA A 369 -3.32 12.07 -9.83
CA ALA A 369 -2.71 13.37 -10.01
C ALA A 369 -3.58 14.29 -10.87
N GLN A 370 -3.44 15.60 -10.62
CA GLN A 370 -4.20 16.61 -11.32
C GLN A 370 -3.95 16.56 -12.82
N GLU A 371 -2.70 16.34 -13.21
CA GLU A 371 -2.37 16.21 -14.64
C GLU A 371 -1.19 15.25 -14.80
N ASP B 179 15.34 2.06 -14.72
CA ASP B 179 14.04 2.62 -14.33
C ASP B 179 12.92 1.87 -15.00
N THR B 180 11.85 1.68 -14.23
CA THR B 180 10.76 0.75 -14.48
C THR B 180 11.21 -0.70 -14.61
N ARG B 181 12.50 -1.01 -14.43
CA ARG B 181 12.90 -2.42 -14.36
C ARG B 181 12.43 -3.04 -13.06
N THR B 182 12.32 -4.37 -13.09
CA THR B 182 11.91 -5.17 -11.94
C THR B 182 13.00 -6.14 -11.56
N LEU B 183 13.27 -6.22 -10.26
CA LEU B 183 14.09 -7.24 -9.64
C LEU B 183 13.18 -8.13 -8.82
N TRP B 184 13.21 -9.45 -9.06
CA TRP B 184 12.21 -10.27 -8.38
C TRP B 184 12.67 -11.71 -8.18
N THR B 185 11.81 -12.44 -7.47
CA THR B 185 11.97 -13.88 -7.23
C THR B 185 11.47 -14.76 -8.38
N THR B 186 11.06 -14.18 -9.49
CA THR B 186 10.09 -14.70 -10.48
C THR B 186 8.70 -14.75 -9.85
N PRO B 187 7.66 -14.68 -10.68
CA PRO B 187 6.29 -14.59 -10.12
C PRO B 187 5.75 -15.90 -9.61
N ASP B 188 6.31 -17.03 -10.04
CA ASP B 188 5.85 -18.35 -9.59
C ASP B 188 7.05 -19.15 -9.12
N PRO B 189 7.71 -18.72 -8.06
CA PRO B 189 8.95 -19.39 -7.65
C PRO B 189 8.69 -20.78 -7.10
N SER B 190 9.67 -21.65 -7.30
N SER B 190 9.65 -21.65 -7.30
CA SER B 190 9.78 -22.87 -6.51
CA SER B 190 9.71 -22.87 -6.50
C SER B 190 10.22 -22.46 -5.11
C SER B 190 10.23 -22.48 -5.11
N PRO B 191 10.19 -23.39 -4.14
CA PRO B 191 10.65 -23.04 -2.79
C PRO B 191 12.04 -22.41 -2.82
N ASN B 192 12.13 -21.24 -2.20
CA ASN B 192 13.30 -20.40 -2.44
C ASN B 192 13.76 -19.69 -1.17
N CYS B 193 13.21 -20.03 -0.01
CA CYS B 193 13.41 -19.18 1.15
C CYS B 193 13.40 -20.01 2.41
N LYS B 194 14.25 -19.62 3.36
CA LYS B 194 14.34 -20.30 4.64
C LYS B 194 13.50 -19.56 5.67
N VAL B 195 12.53 -20.25 6.25
CA VAL B 195 11.90 -19.79 7.48
C VAL B 195 12.53 -20.58 8.61
N GLU B 196 12.45 -21.91 8.56
CA GLU B 196 13.13 -22.77 9.53
C GLU B 196 14.31 -23.53 8.95
N THR B 197 14.17 -24.09 7.75
CA THR B 197 15.27 -24.78 7.07
C THR B 197 15.29 -24.32 5.63
N ALA B 198 16.39 -24.59 4.92
CA ALA B 198 16.55 -24.01 3.59
C ALA B 198 15.39 -24.39 2.66
N ARG B 199 14.90 -23.40 1.90
CA ARG B 199 13.91 -23.65 0.87
C ARG B 199 12.70 -24.40 1.43
N ASP B 200 12.25 -23.98 2.59
CA ASP B 200 11.01 -24.52 3.18
C ASP B 200 9.85 -23.58 2.92
N SER B 201 10.06 -22.54 2.11
N SER B 201 10.06 -22.55 2.11
CA SER B 201 8.98 -21.59 1.86
CA SER B 201 9.01 -21.57 1.84
C SER B 201 9.16 -20.95 0.48
C SER B 201 9.16 -21.00 0.45
N LYS B 202 8.05 -20.42 -0.05
CA LYS B 202 7.99 -19.73 -1.35
C LYS B 202 7.73 -18.26 -1.03
N LEU B 203 8.79 -17.44 -1.14
CA LEU B 203 8.69 -15.99 -1.05
C LEU B 203 8.53 -15.44 -2.46
N THR B 204 7.40 -14.76 -2.72
CA THR B 204 7.23 -14.06 -3.98
C THR B 204 7.43 -12.58 -3.68
N LEU B 205 8.46 -11.98 -4.29
CA LEU B 205 8.79 -10.59 -4.01
C LEU B 205 9.16 -9.97 -5.33
N ALA B 206 8.52 -8.85 -5.66
CA ALA B 206 8.88 -8.07 -6.86
C ALA B 206 9.16 -6.63 -6.44
N LEU B 207 10.31 -6.12 -6.86
CA LEU B 207 10.74 -4.75 -6.62
C LEU B 207 10.81 -4.03 -7.97
N THR B 208 10.00 -3.01 -8.14
CA THR B 208 9.97 -2.33 -9.43
C THR B 208 10.41 -0.89 -9.22
N LYS B 209 11.38 -0.43 -10.03
CA LYS B 209 11.93 0.90 -9.81
C LYS B 209 11.03 1.96 -10.42
N CYS B 210 10.55 2.85 -9.57
CA CYS B 210 9.84 4.04 -9.99
C CYS B 210 10.69 5.25 -9.61
N GLY B 211 11.80 5.42 -10.33
CA GLY B 211 12.74 6.47 -10.04
C GLY B 211 13.21 6.41 -8.61
N SER B 212 12.89 7.46 -7.85
CA SER B 212 13.44 7.58 -6.51
C SER B 212 12.77 6.65 -5.50
N GLN B 213 11.69 5.98 -5.85
CA GLN B 213 11.08 4.99 -4.97
C GLN B 213 11.02 3.63 -5.64
N ILE B 214 11.07 2.59 -4.82
CA ILE B 214 10.83 1.22 -5.26
C ILE B 214 9.42 0.88 -4.85
N LEU B 215 8.63 0.35 -5.80
CA LEU B 215 7.30 -0.18 -5.54
C LEU B 215 7.43 -1.70 -5.42
N ALA B 216 6.90 -2.24 -4.33
CA ALA B 216 7.12 -3.64 -4.01
C ALA B 216 5.80 -4.35 -3.75
N THR B 217 5.78 -5.65 -4.09
CA THR B 217 4.70 -6.53 -3.66
C THR B 217 5.33 -7.83 -3.14
N VAL B 218 4.82 -8.30 -2.00
CA VAL B 218 5.41 -9.44 -1.31
C VAL B 218 4.31 -10.37 -0.81
N SER B 219 4.56 -11.67 -0.90
N SER B 219 4.55 -11.67 -0.93
CA SER B 219 3.67 -12.64 -0.29
CA SER B 219 3.69 -12.69 -0.36
C SER B 219 4.49 -13.89 0.01
C SER B 219 4.57 -13.85 0.07
N LEU B 220 4.10 -14.62 1.05
CA LEU B 220 4.84 -15.76 1.55
C LEU B 220 3.92 -16.95 1.73
N LEU B 221 4.34 -18.09 1.20
CA LEU B 221 3.71 -19.36 1.51
C LEU B 221 4.77 -20.26 2.14
N VAL B 222 4.60 -20.58 3.41
CA VAL B 222 5.49 -21.56 4.05
C VAL B 222 5.00 -22.97 3.68
N VAL B 223 5.90 -23.81 3.14
CA VAL B 223 5.47 -25.06 2.53
C VAL B 223 5.75 -26.24 3.44
N THR B 224 6.79 -26.16 4.26
CA THR B 224 7.07 -27.28 5.13
C THR B 224 7.70 -26.74 6.41
N GLY B 225 7.71 -27.59 7.46
CA GLY B 225 8.32 -27.21 8.72
C GLY B 225 7.36 -26.59 9.71
N LYS B 226 7.96 -26.01 10.74
CA LYS B 226 7.24 -25.51 11.92
C LYS B 226 6.14 -24.50 11.56
N TYR B 227 6.39 -23.60 10.62
CA TYR B 227 5.45 -22.53 10.33
C TYR B 227 4.61 -22.80 9.10
N ALA B 228 4.67 -24.01 8.54
CA ALA B 228 3.80 -24.29 7.38
C ALA B 228 2.33 -24.22 7.78
N ILE B 229 2.00 -24.80 8.92
CA ILE B 229 0.64 -24.80 9.45
C ILE B 229 0.74 -24.22 10.85
N ILE B 230 0.02 -23.15 11.13
CA ILE B 230 0.15 -22.51 12.44
C ILE B 230 -1.15 -22.67 13.23
N SER B 231 -1.04 -22.44 14.54
CA SER B 231 -2.17 -22.44 15.45
C SER B 231 -1.70 -21.76 16.72
N ASP B 232 -2.60 -21.68 17.70
CA ASP B 232 -2.21 -21.02 18.95
C ASP B 232 -1.15 -21.78 19.72
N THR B 233 -0.86 -23.05 19.37
CA THR B 233 0.16 -23.79 20.11
C THR B 233 1.51 -23.73 19.45
N VAL B 234 1.65 -23.00 18.35
CA VAL B 234 2.94 -22.78 17.72
C VAL B 234 3.57 -21.54 18.35
N ASN B 235 4.78 -21.68 18.86
CA ASN B 235 5.49 -20.55 19.46
C ASN B 235 6.97 -20.59 19.09
N PRO B 236 7.60 -19.41 18.92
CA PRO B 236 7.02 -18.06 18.94
C PRO B 236 6.18 -17.78 17.72
N LYS B 237 5.38 -16.73 17.84
CA LYS B 237 4.43 -16.39 16.80
C LYS B 237 4.96 -15.31 15.88
N GLN B 238 6.25 -15.41 15.57
CA GLN B 238 6.92 -14.47 14.69
C GLN B 238 8.17 -15.16 14.16
N PHE B 239 8.53 -14.87 12.93
CA PHE B 239 9.79 -15.33 12.35
C PHE B 239 10.28 -14.28 11.39
N SER B 240 11.58 -14.34 11.07
N SER B 240 11.56 -14.38 11.01
CA SER B 240 12.26 -13.31 10.29
CA SER B 240 12.27 -13.32 10.30
C SER B 240 12.90 -13.91 9.05
C SER B 240 12.97 -13.86 9.07
N ILE B 241 12.77 -13.19 7.94
CA ILE B 241 13.40 -13.54 6.66
C ILE B 241 14.29 -12.37 6.26
N LYS B 242 15.60 -12.61 6.16
CA LYS B 242 16.57 -11.54 5.93
C LYS B 242 17.09 -11.62 4.50
N LEU B 243 16.97 -10.51 3.78
CA LEU B 243 17.69 -10.33 2.52
C LEU B 243 18.86 -9.39 2.79
N LEU B 244 20.08 -9.90 2.65
CA LEU B 244 21.28 -9.17 2.97
C LEU B 244 22.02 -8.87 1.68
N PHE B 245 22.44 -7.62 1.48
CA PHE B 245 23.07 -7.22 0.22
C PHE B 245 24.42 -6.59 0.43
N ASN B 246 25.31 -6.74 -0.56
CA ASN B 246 26.63 -6.13 -0.47
C ASN B 246 26.60 -4.73 -1.07
N ASP B 247 27.77 -4.10 -1.18
CA ASP B 247 27.86 -2.73 -1.66
CA ASP B 247 27.82 -2.72 -1.65
C ASP B 247 27.39 -2.58 -3.12
N LYS B 248 27.31 -3.67 -3.86
CA LYS B 248 26.75 -3.61 -5.20
C LYS B 248 25.27 -3.96 -5.22
N GLY B 249 24.65 -4.21 -4.06
CA GLY B 249 23.26 -4.63 -4.04
C GLY B 249 23.03 -6.07 -4.46
N VAL B 250 24.08 -6.91 -4.43
CA VAL B 250 24.01 -8.33 -4.72
C VAL B 250 23.66 -9.08 -3.43
N LEU B 251 22.78 -10.08 -3.55
CA LEU B 251 22.30 -10.84 -2.39
C LEU B 251 23.44 -11.67 -1.79
N LEU B 252 23.61 -11.58 -0.48
CA LEU B 252 24.65 -12.35 0.21
C LEU B 252 24.14 -13.74 0.58
N SER B 253 25.07 -14.71 0.63
CA SER B 253 24.71 -16.10 0.84
C SER B 253 24.04 -16.34 2.18
N ASP B 254 24.39 -15.56 3.19
CA ASP B 254 23.78 -15.72 4.50
C ASP B 254 22.29 -15.38 4.49
N SER B 255 21.78 -14.80 3.41
CA SER B 255 20.37 -14.40 3.36
C SER B 255 19.45 -15.63 3.48
N ASN B 256 18.23 -15.41 4.03
CA ASN B 256 17.24 -16.48 4.03
C ASN B 256 16.75 -16.81 2.62
N LEU B 257 16.67 -15.81 1.76
CA LEU B 257 16.32 -16.01 0.37
C LEU B 257 17.50 -16.60 -0.39
N ASP B 258 17.26 -17.70 -1.09
CA ASP B 258 18.23 -18.28 -2.01
C ASP B 258 18.37 -17.36 -3.24
N GLY B 259 19.60 -17.08 -3.65
CA GLY B 259 19.77 -16.13 -4.73
C GLY B 259 19.66 -16.70 -6.13
N THR B 260 19.43 -18.01 -6.24
CA THR B 260 19.46 -18.69 -7.53
C THR B 260 18.51 -18.06 -8.54
N TYR B 261 17.33 -17.64 -8.09
CA TYR B 261 16.33 -17.06 -8.97
C TYR B 261 15.91 -15.69 -8.49
N TRP B 262 16.82 -14.99 -7.83
CA TRP B 262 16.64 -13.59 -7.45
C TRP B 262 17.37 -12.79 -8.52
N ASN B 263 16.62 -12.17 -9.42
CA ASN B 263 17.30 -11.55 -10.56
C ASN B 263 16.39 -10.55 -11.25
N TYR B 264 16.99 -9.80 -12.15
CA TYR B 264 16.19 -8.90 -12.97
C TYR B 264 15.21 -9.68 -13.83
N ARG B 265 14.03 -9.12 -13.99
CA ARG B 265 12.96 -9.75 -14.76
C ARG B 265 13.33 -9.88 -16.23
N SER B 266 12.99 -11.03 -16.80
CA SER B 266 12.85 -11.15 -18.24
C SER B 266 11.57 -11.95 -18.49
N ASN B 267 10.52 -11.26 -18.96
CA ASN B 267 9.18 -11.84 -19.18
C ASN B 267 8.69 -12.41 -17.85
N ASN B 268 8.32 -13.69 -17.76
CA ASN B 268 7.90 -14.26 -16.49
C ASN B 268 9.05 -14.94 -15.76
N ASN B 269 10.28 -14.75 -16.23
CA ASN B 269 11.45 -15.41 -15.66
C ASN B 269 12.52 -14.39 -15.32
N ASN B 270 13.77 -14.83 -15.31
CA ASN B 270 14.89 -13.99 -14.93
C ASN B 270 15.89 -13.93 -16.07
N ILE B 271 16.56 -12.78 -16.18
CA ILE B 271 17.77 -12.74 -16.96
C ILE B 271 18.65 -13.90 -16.50
N GLY B 272 19.32 -14.55 -17.45
CA GLY B 272 20.00 -15.78 -17.11
C GLY B 272 21.21 -15.56 -16.22
N THR B 273 22.03 -14.60 -16.56
CA THR B 273 23.25 -14.39 -15.81
C THR B 273 22.94 -13.65 -14.51
N PRO B 274 23.58 -14.04 -13.41
CA PRO B 274 23.36 -13.34 -12.14
C PRO B 274 23.67 -11.86 -12.30
N TYR B 275 22.83 -11.02 -11.73
CA TYR B 275 23.07 -9.60 -11.94
C TYR B 275 24.35 -9.15 -11.26
N LYS B 276 24.95 -8.09 -11.81
CA LYS B 276 26.20 -7.59 -11.27
C LYS B 276 26.00 -6.47 -10.24
N GLU B 277 24.94 -5.67 -10.39
CA GLU B 277 24.66 -4.63 -9.42
C GLU B 277 23.19 -4.30 -9.44
N ALA B 278 22.70 -3.86 -8.28
CA ALA B 278 21.30 -3.48 -8.13
C ALA B 278 21.20 -2.36 -7.11
N VAL B 279 22.17 -1.46 -7.11
CA VAL B 279 22.18 -0.42 -6.09
C VAL B 279 20.90 0.42 -6.16
N GLY B 280 20.39 0.67 -7.37
CA GLY B 280 19.18 1.47 -7.47
C GLY B 280 17.93 0.83 -6.89
N PHE B 281 18.02 -0.43 -6.44
CA PHE B 281 16.91 -1.13 -5.80
C PHE B 281 17.10 -1.25 -4.32
N MET B 282 18.24 -0.77 -3.79
CA MET B 282 18.49 -0.90 -2.36
C MET B 282 17.73 0.19 -1.60
N PRO B 283 17.33 -0.08 -0.37
CA PRO B 283 16.76 0.99 0.46
C PRO B 283 17.83 1.99 0.83
N SER B 284 17.50 3.27 0.68
CA SER B 284 18.46 4.33 0.93
C SER B 284 19.04 4.23 2.34
N THR B 285 20.36 4.32 2.44
CA THR B 285 20.94 4.41 3.78
C THR B 285 20.91 5.83 4.32
N THR B 286 20.54 6.82 3.50
CA THR B 286 20.29 8.15 4.04
C THR B 286 18.90 8.22 4.69
N ALA B 287 17.88 7.72 4.00
CA ALA B 287 16.53 7.66 4.57
C ALA B 287 16.43 6.64 5.70
N TYR B 288 17.13 5.51 5.55
CA TYR B 288 17.03 4.38 6.47
C TYR B 288 18.44 3.96 6.88
N PRO B 289 19.09 4.73 7.75
CA PRO B 289 20.46 4.40 8.14
C PRO B 289 20.51 3.10 8.96
N LYS B 290 21.68 2.43 8.91
CA LYS B 290 21.89 1.29 9.77
C LYS B 290 21.81 1.72 11.25
N PRO B 291 21.29 0.85 12.11
CA PRO B 291 21.13 1.22 13.52
C PRO B 291 22.48 1.38 14.20
N THR B 292 22.52 2.31 15.15
CA THR B 292 23.76 2.60 15.90
C THR B 292 23.41 2.98 17.33
N THR B 297 20.66 10.73 24.41
CA THR B 297 19.53 11.23 25.21
C THR B 297 19.00 12.59 24.71
N ASP B 298 19.77 13.24 23.85
CA ASP B 298 19.42 14.57 23.37
C ASP B 298 18.27 14.44 22.38
N PRO B 299 17.09 15.00 22.67
CA PRO B 299 15.97 14.87 21.72
C PRO B 299 16.34 15.31 20.30
N ASP B 300 17.14 16.36 20.16
CA ASP B 300 17.51 16.84 18.84
C ASP B 300 18.30 15.83 18.01
N LYS B 301 18.94 14.84 18.65
CA LYS B 301 19.75 13.86 17.93
C LYS B 301 19.04 12.53 17.83
N LYS B 302 17.79 12.45 18.25
CA LYS B 302 17.06 11.20 18.17
C LYS B 302 16.98 10.72 16.72
N VAL B 303 17.28 9.44 16.52
CA VAL B 303 17.16 8.81 15.22
C VAL B 303 15.84 8.06 15.22
N SER B 304 15.03 8.28 14.17
CA SER B 304 13.77 7.59 14.06
C SER B 304 13.93 6.08 14.08
N GLN B 305 13.20 5.41 14.99
CA GLN B 305 13.11 3.95 15.00
C GLN B 305 11.96 3.44 14.15
N GLY B 306 11.03 4.31 13.82
CA GLY B 306 9.90 3.89 13.03
C GLY B 306 10.15 3.95 11.54
N LYS B 307 10.93 4.93 11.06
CA LYS B 307 10.84 5.22 9.64
C LYS B 307 11.43 4.11 8.78
N ASN B 308 12.35 3.31 9.34
CA ASN B 308 12.91 2.19 8.59
C ASN B 308 12.04 0.96 8.61
N LYS B 309 10.81 1.03 9.15
CA LYS B 309 9.92 -0.12 9.21
C LYS B 309 8.61 0.24 8.55
N ILE B 310 8.01 -0.76 7.91
CA ILE B 310 6.65 -0.67 7.41
C ILE B 310 5.90 -1.80 8.07
N VAL B 311 4.80 -1.48 8.75
CA VAL B 311 4.11 -2.49 9.55
C VAL B 311 2.64 -2.52 9.14
N SER B 312 2.10 -3.72 8.93
CA SER B 312 0.70 -3.80 8.55
C SER B 312 0.15 -5.18 8.87
N ASN B 313 -1.17 -5.27 8.90
CA ASN B 313 -1.75 -6.61 8.87
C ASN B 313 -1.61 -7.20 7.48
N ILE B 314 -1.44 -8.50 7.44
CA ILE B 314 -1.74 -9.31 6.27
C ILE B 314 -2.76 -10.35 6.72
N TYR B 315 -3.30 -11.12 5.77
CA TYR B 315 -4.41 -12.00 6.11
C TYR B 315 -4.11 -13.38 5.54
N LEU B 316 -4.10 -14.39 6.43
CA LEU B 316 -3.70 -15.73 6.03
C LEU B 316 -4.77 -16.32 5.12
N GLY B 317 -4.34 -16.88 4.00
CA GLY B 317 -5.33 -17.37 3.04
C GLY B 317 -6.17 -16.27 2.42
N GLY B 318 -5.79 -14.99 2.63
CA GLY B 318 -6.60 -13.85 2.21
C GLY B 318 -7.96 -13.78 2.86
N GLU B 319 -8.13 -14.39 4.04
CA GLU B 319 -9.40 -14.40 4.77
C GLU B 319 -9.43 -13.23 5.74
N VAL B 320 -10.52 -12.47 5.72
CA VAL B 320 -10.61 -11.29 6.58
C VAL B 320 -10.61 -11.66 8.05
N TYR B 321 -10.95 -12.89 8.38
CA TYR B 321 -11.02 -13.37 9.76
C TYR B 321 -9.73 -14.08 10.17
N GLN B 322 -8.67 -13.97 9.36
CA GLN B 322 -7.38 -14.59 9.70
C GLN B 322 -6.23 -13.58 9.66
N PRO B 323 -6.32 -12.48 10.42
CA PRO B 323 -5.19 -11.54 10.45
C PRO B 323 -3.89 -12.13 10.94
N GLY B 324 -2.80 -11.70 10.31
CA GLY B 324 -1.47 -11.81 10.90
C GLY B 324 -0.79 -10.48 10.67
N PHE B 325 0.55 -10.44 10.70
CA PHE B 325 1.19 -9.17 10.46
C PHE B 325 2.48 -9.37 9.68
N ILE B 326 2.89 -8.29 9.03
CA ILE B 326 4.18 -8.19 8.37
C ILE B 326 4.89 -6.94 8.88
N VAL B 327 6.20 -7.06 9.13
CA VAL B 327 7.07 -5.92 9.40
C VAL B 327 8.16 -5.96 8.35
N VAL B 328 8.22 -4.92 7.52
CA VAL B 328 9.30 -4.77 6.56
C VAL B 328 10.32 -3.83 7.17
N LYS B 329 11.59 -4.23 7.21
CA LYS B 329 12.63 -3.43 7.85
C LYS B 329 13.73 -3.15 6.85
N PHE B 330 14.14 -1.88 6.76
CA PHE B 330 15.21 -1.48 5.84
C PHE B 330 16.50 -1.21 6.58
N ASN B 331 17.57 -1.90 6.15
CA ASN B 331 18.94 -1.68 6.60
C ASN B 331 19.12 -1.89 8.08
N GLN B 332 18.31 -2.75 8.70
CA GLN B 332 18.42 -2.92 10.14
C GLN B 332 19.29 -4.11 10.52
N GLU B 333 19.75 -4.90 9.57
CA GLU B 333 20.63 -6.02 9.87
C GLU B 333 22.08 -5.59 9.92
N THR B 334 22.88 -6.38 10.63
CA THR B 334 24.34 -6.29 10.61
C THR B 334 25.03 -7.52 10.05
N ASP B 335 24.31 -8.64 9.88
CA ASP B 335 24.88 -9.93 9.48
C ASP B 335 25.73 -9.82 8.23
N ALA B 336 26.73 -10.70 8.14
CA ALA B 336 27.56 -10.83 6.95
C ALA B 336 28.13 -9.47 6.49
N ASN B 337 28.23 -8.52 7.40
CA ASN B 337 28.74 -7.17 7.10
C ASN B 337 28.00 -6.57 5.91
N CYS B 338 26.67 -6.69 5.91
CA CYS B 338 25.90 -6.21 4.77
C CYS B 338 25.99 -4.70 4.64
N ALA B 339 25.94 -4.24 3.38
CA ALA B 339 25.79 -2.81 3.10
C ALA B 339 24.33 -2.38 3.19
N TYR B 340 23.42 -3.28 2.80
CA TYR B 340 21.98 -3.00 2.80
C TYR B 340 21.26 -4.24 3.27
N SER B 341 20.01 -4.06 3.72
CA SER B 341 19.20 -5.23 4.01
C SER B 341 17.72 -4.89 3.85
N ILE B 342 16.95 -5.92 3.52
CA ILE B 342 15.48 -5.87 3.61
C ILE B 342 15.07 -7.08 4.41
N THR B 343 14.40 -6.85 5.54
CA THR B 343 14.00 -7.95 6.42
C THR B 343 12.49 -8.02 6.46
N PHE B 344 11.95 -9.23 6.38
CA PHE B 344 10.51 -9.41 6.49
C PHE B 344 10.28 -10.17 7.78
N ASP B 345 9.62 -9.56 8.74
CA ASP B 345 9.17 -10.30 9.90
C ASP B 345 7.69 -10.64 9.69
N PHE B 346 7.35 -11.91 9.84
CA PHE B 346 5.96 -12.32 9.71
C PHE B 346 5.51 -12.89 11.04
N GLY B 347 4.26 -12.66 11.40
CA GLY B 347 3.74 -13.34 12.57
C GLY B 347 2.25 -13.23 12.64
N TRP B 348 1.73 -13.47 13.85
CA TRP B 348 0.30 -13.35 14.10
C TRP B 348 0.12 -13.21 15.59
N GLY B 349 -1.07 -12.75 15.99
CA GLY B 349 -1.43 -12.53 17.37
C GLY B 349 -2.78 -13.14 17.75
N LYS B 350 -3.74 -13.17 16.81
CA LYS B 350 -5.05 -13.77 17.07
C LYS B 350 -4.90 -15.24 17.45
N VAL B 351 -5.82 -15.70 18.32
CA VAL B 351 -5.87 -17.09 18.78
C VAL B 351 -6.50 -17.95 17.69
N TYR B 352 -5.75 -18.90 17.15
CA TYR B 352 -6.26 -19.83 16.15
C TYR B 352 -6.28 -21.22 16.77
N LYS B 353 -7.47 -21.70 17.11
CA LYS B 353 -7.51 -23.04 17.69
C LYS B 353 -7.41 -24.11 16.61
N ASP B 354 -7.90 -23.83 15.44
CA ASP B 354 -7.83 -24.76 14.33
C ASP B 354 -6.66 -24.38 13.45
N PRO B 355 -5.83 -25.33 13.04
CA PRO B 355 -4.60 -24.97 12.32
C PRO B 355 -4.88 -24.46 10.92
N ILE B 356 -4.11 -23.46 10.51
CA ILE B 356 -4.25 -22.86 9.18
C ILE B 356 -2.86 -22.62 8.58
N PRO B 357 -2.77 -22.71 7.26
CA PRO B 357 -1.47 -22.51 6.61
C PRO B 357 -0.97 -21.08 6.71
N TYR B 358 0.37 -20.93 6.82
CA TYR B 358 0.92 -19.58 6.87
C TYR B 358 1.16 -19.18 5.43
N ASP B 359 0.16 -18.51 4.86
CA ASP B 359 0.00 -18.35 3.42
C ASP B 359 -0.54 -16.95 3.27
N THR B 360 0.33 -15.96 3.01
CA THR B 360 -0.12 -14.60 3.24
C THR B 360 -0.78 -13.98 2.02
N SER B 361 -1.71 -13.06 2.30
CA SER B 361 -2.22 -12.15 1.28
C SER B 361 -1.08 -11.26 0.79
N SER B 362 -1.19 -10.77 -0.44
CA SER B 362 -0.10 -9.97 -0.98
C SER B 362 -0.11 -8.60 -0.32
N PHE B 363 1.09 -8.06 -0.10
CA PHE B 363 1.26 -6.78 0.58
C PHE B 363 2.09 -5.84 -0.29
N THR B 364 1.57 -4.65 -0.54
CA THR B 364 2.24 -3.62 -1.33
C THR B 364 2.91 -2.61 -0.40
N PHE B 365 4.12 -2.17 -0.79
CA PHE B 365 4.77 -1.12 -0.04
C PHE B 365 5.74 -0.42 -0.96
N SER B 366 6.26 0.71 -0.51
CA SER B 366 7.27 1.39 -1.30
C SER B 366 8.34 1.90 -0.35
N TYR B 367 9.50 2.24 -0.91
CA TYR B 367 10.53 2.84 -0.08
C TYR B 367 11.44 3.70 -0.95
N ILE B 368 12.16 4.62 -0.28
CA ILE B 368 13.10 5.49 -0.96
C ILE B 368 14.33 4.69 -1.39
N ALA B 369 14.66 4.78 -2.68
CA ALA B 369 15.79 4.03 -3.23
C ALA B 369 17.11 4.72 -2.92
N GLN B 370 18.17 3.92 -2.81
CA GLN B 370 19.51 4.45 -2.54
C GLN B 370 19.98 5.43 -3.63
N GLU B 371 19.64 5.15 -4.88
CA GLU B 371 19.98 6.07 -5.97
C GLU B 371 18.97 5.88 -7.10
N THR C 180 3.51 3.98 -19.21
CA THR C 180 3.10 4.60 -17.94
C THR C 180 1.66 5.11 -17.99
N ARG C 181 0.88 4.55 -18.89
CA ARG C 181 -0.52 4.96 -19.05
C ARG C 181 -1.34 4.57 -17.84
N THR C 182 -2.51 5.22 -17.75
CA THR C 182 -3.51 4.89 -16.73
C THR C 182 -4.76 4.39 -17.43
N LEU C 183 -5.32 3.29 -16.91
CA LEU C 183 -6.63 2.77 -17.30
C LEU C 183 -7.57 3.04 -16.14
N TRP C 184 -8.71 3.68 -16.39
CA TRP C 184 -9.49 4.13 -15.24
C TRP C 184 -10.96 4.26 -15.58
N THR C 185 -11.74 4.49 -14.52
CA THR C 185 -13.18 4.73 -14.59
C THR C 185 -13.52 6.16 -14.94
N THR C 186 -12.50 7.03 -15.08
CA THR C 186 -12.55 8.50 -14.98
C THR C 186 -12.61 8.81 -13.48
N PRO C 187 -12.12 9.99 -13.08
CA PRO C 187 -11.94 10.24 -11.64
C PRO C 187 -13.21 10.70 -10.92
N ASP C 188 -14.24 11.14 -11.64
CA ASP C 188 -15.49 11.58 -11.03
C ASP C 188 -16.62 10.89 -11.78
N PRO C 189 -16.71 9.57 -11.68
CA PRO C 189 -17.66 8.84 -12.50
C PRO C 189 -19.10 9.12 -12.12
N SER C 190 -19.98 9.05 -13.13
CA SER C 190 -21.40 8.91 -12.91
C SER C 190 -21.66 7.50 -12.39
N PRO C 191 -22.88 7.20 -11.86
CA PRO C 191 -23.10 5.83 -11.35
C PRO C 191 -22.71 4.80 -12.41
N ASN C 192 -21.83 3.89 -12.02
CA ASN C 192 -21.17 3.06 -13.02
C ASN C 192 -21.01 1.62 -12.55
N CYS C 193 -21.65 1.23 -11.44
CA CYS C 193 -21.35 -0.04 -10.83
C CYS C 193 -22.59 -0.60 -10.16
N LYS C 194 -22.71 -1.91 -10.22
CA LYS C 194 -23.78 -2.68 -9.59
C LYS C 194 -23.23 -3.32 -8.32
N VAL C 195 -23.72 -2.88 -7.18
CA VAL C 195 -23.51 -3.64 -5.95
C VAL C 195 -24.63 -4.64 -5.77
N GLU C 196 -25.86 -4.15 -5.89
CA GLU C 196 -27.05 -4.94 -5.84
C GLU C 196 -27.88 -4.80 -7.11
N THR C 197 -28.02 -3.57 -7.61
CA THR C 197 -28.71 -3.31 -8.87
C THR C 197 -27.87 -2.35 -9.70
N ALA C 198 -28.06 -2.40 -11.03
CA ALA C 198 -27.29 -1.55 -11.91
C ALA C 198 -27.36 -0.09 -11.49
N ARG C 199 -26.23 0.59 -11.60
CA ARG C 199 -26.10 2.04 -11.33
C ARG C 199 -26.41 2.40 -9.87
N ASP C 200 -26.26 1.45 -8.94
CA ASP C 200 -26.48 1.82 -7.54
C ASP C 200 -25.22 2.26 -6.82
N SER C 201 -24.11 2.36 -7.53
N SER C 201 -24.10 2.34 -7.52
CA SER C 201 -22.87 2.73 -6.86
CA SER C 201 -22.87 2.72 -6.84
C SER C 201 -21.95 3.44 -7.84
C SER C 201 -21.92 3.38 -7.83
N LYS C 202 -20.94 4.09 -7.28
CA LYS C 202 -19.91 4.77 -8.05
C LYS C 202 -18.57 4.18 -7.64
N LEU C 203 -17.95 3.42 -8.55
CA LEU C 203 -16.63 2.85 -8.33
C LEU C 203 -15.62 3.79 -9.00
N THR C 204 -14.65 4.29 -8.23
CA THR C 204 -13.56 5.07 -8.82
C THR C 204 -12.32 4.18 -8.75
N LEU C 205 -11.77 3.85 -9.92
CA LEU C 205 -10.62 2.95 -9.97
C LEU C 205 -9.64 3.44 -11.02
N ALA C 206 -8.37 3.58 -10.64
CA ALA C 206 -7.31 3.92 -11.58
C ALA C 206 -6.21 2.89 -11.45
N LEU C 207 -5.77 2.37 -12.60
CA LEU C 207 -4.67 1.41 -12.70
C LEU C 207 -3.59 2.10 -13.51
N THR C 208 -2.40 2.21 -12.96
CA THR C 208 -1.31 2.88 -13.70
C THR C 208 -0.15 1.90 -13.88
N LYS C 209 0.37 1.81 -15.10
CA LYS C 209 1.40 0.81 -15.36
C LYS C 209 2.78 1.34 -14.97
N CYS C 210 3.49 0.59 -14.12
CA CYS C 210 4.88 0.88 -13.74
C CYS C 210 5.66 -0.38 -14.09
N GLY C 211 5.98 -0.53 -15.37
CA GLY C 211 6.64 -1.75 -15.82
C GLY C 211 5.81 -2.98 -15.44
N SER C 212 6.45 -3.92 -14.76
CA SER C 212 5.79 -5.20 -14.52
C SER C 212 4.85 -5.17 -13.34
N GLN C 213 4.64 -4.01 -12.70
CA GLN C 213 3.62 -3.89 -11.66
C GLN C 213 2.62 -2.81 -12.03
N ILE C 214 1.36 -3.04 -11.67
CA ILE C 214 0.32 -2.06 -11.80
C ILE C 214 0.13 -1.41 -10.44
N LEU C 215 0.11 -0.07 -10.40
CA LEU C 215 -0.20 0.68 -9.19
C LEU C 215 -1.66 1.10 -9.29
N ALA C 216 -2.43 0.83 -8.22
CA ALA C 216 -3.87 1.02 -8.27
C ALA C 216 -4.37 1.82 -7.08
N THR C 217 -5.44 2.58 -7.30
CA THR C 217 -6.17 3.24 -6.23
C THR C 217 -7.66 3.03 -6.48
N VAL C 218 -8.40 2.65 -5.42
CA VAL C 218 -9.83 2.34 -5.59
C VAL C 218 -10.62 2.91 -4.44
N SER C 219 -11.87 3.30 -4.72
CA SER C 219 -12.79 3.73 -3.68
C SER C 219 -14.21 3.49 -4.20
N LEU C 220 -15.15 3.34 -3.28
CA LEU C 220 -16.52 2.99 -3.66
C LEU C 220 -17.48 3.87 -2.88
N LEU C 221 -18.44 4.51 -3.58
CA LEU C 221 -19.54 5.18 -2.92
C LEU C 221 -20.80 4.44 -3.33
N VAL C 222 -21.47 3.78 -2.39
CA VAL C 222 -22.76 3.19 -2.75
C VAL C 222 -23.81 4.29 -2.65
N VAL C 223 -24.60 4.49 -3.73
CA VAL C 223 -25.51 5.64 -3.73
C VAL C 223 -26.94 5.27 -3.40
N THR C 224 -27.37 4.03 -3.64
CA THR C 224 -28.74 3.67 -3.29
C THR C 224 -28.82 2.16 -3.05
N GLY C 225 -29.91 1.75 -2.42
CA GLY C 225 -30.24 0.35 -2.26
C GLY C 225 -29.75 -0.18 -0.92
N LYS C 226 -29.63 -1.50 -0.88
CA LYS C 226 -29.34 -2.23 0.36
C LYS C 226 -28.10 -1.72 1.09
N TYR C 227 -27.04 -1.41 0.36
CA TYR C 227 -25.76 -1.10 0.98
C TYR C 227 -25.46 0.39 0.96
N ALA C 228 -26.43 1.23 0.56
CA ALA C 228 -26.13 2.67 0.58
C ALA C 228 -25.92 3.17 2.01
N ILE C 229 -26.79 2.75 2.94
CA ILE C 229 -26.66 3.09 4.36
C ILE C 229 -26.67 1.77 5.11
N ILE C 230 -25.61 1.47 5.84
CA ILE C 230 -25.49 0.15 6.47
C ILE C 230 -25.63 0.27 7.98
N SER C 231 -25.96 -0.87 8.60
CA SER C 231 -25.99 -0.98 10.05
C SER C 231 -25.95 -2.46 10.37
N ASP C 232 -25.95 -2.78 11.64
CA ASP C 232 -25.78 -4.18 12.02
C ASP C 232 -26.92 -5.08 11.57
N THR C 233 -28.09 -4.53 11.21
CA THR C 233 -29.20 -5.39 10.80
C THR C 233 -29.14 -5.76 9.32
N VAL C 234 -28.15 -5.28 8.58
CA VAL C 234 -28.01 -5.62 7.17
C VAL C 234 -27.17 -6.88 7.07
N ASN C 235 -27.65 -7.86 6.28
CA ASN C 235 -26.92 -9.10 6.00
C ASN C 235 -27.10 -9.51 4.56
N PRO C 236 -26.07 -10.10 3.94
CA PRO C 236 -24.71 -10.29 4.47
C PRO C 236 -23.99 -8.96 4.61
N LYS C 237 -22.88 -9.00 5.32
CA LYS C 237 -22.06 -7.80 5.55
C LYS C 237 -20.86 -7.79 4.63
N GLN C 238 -21.04 -8.29 3.41
CA GLN C 238 -20.02 -8.32 2.38
C GLN C 238 -20.75 -8.38 1.05
N PHE C 239 -20.15 -7.77 0.01
CA PHE C 239 -20.65 -7.90 -1.35
C PHE C 239 -19.44 -7.86 -2.30
N SER C 240 -19.67 -8.25 -3.56
N SER C 240 -19.66 -8.34 -3.52
CA SER C 240 -18.58 -8.54 -4.49
CA SER C 240 -18.59 -8.50 -4.49
C SER C 240 -18.78 -7.80 -5.81
C SER C 240 -18.85 -7.60 -5.69
N ILE C 241 -17.77 -7.03 -6.22
CA ILE C 241 -17.78 -6.26 -7.47
C ILE C 241 -16.73 -6.92 -8.38
N LYS C 242 -17.19 -7.56 -9.46
CA LYS C 242 -16.28 -8.30 -10.33
C LYS C 242 -15.97 -7.49 -11.58
N LEU C 243 -14.70 -7.40 -11.91
CA LEU C 243 -14.26 -6.87 -13.20
C LEU C 243 -13.73 -8.07 -13.95
N LEU C 244 -14.39 -8.41 -15.05
CA LEU C 244 -14.06 -9.62 -15.79
C LEU C 244 -13.53 -9.21 -17.15
N PHE C 245 -12.40 -9.80 -17.56
CA PHE C 245 -11.72 -9.35 -18.79
C PHE C 245 -11.49 -10.51 -19.72
N ASN C 246 -11.49 -10.20 -21.02
CA ASN C 246 -11.21 -11.25 -21.98
C ASN C 246 -9.71 -11.32 -22.25
N ASP C 247 -9.31 -12.09 -23.28
CA ASP C 247 -7.91 -12.37 -23.54
C ASP C 247 -7.13 -11.16 -24.03
N LYS C 248 -7.82 -10.08 -24.42
CA LYS C 248 -7.22 -8.83 -24.82
C LYS C 248 -7.24 -7.79 -23.72
N GLY C 249 -7.70 -8.15 -22.53
CA GLY C 249 -7.76 -7.19 -21.46
C GLY C 249 -8.97 -6.30 -21.52
N VAL C 250 -9.98 -6.66 -22.35
CA VAL C 250 -11.17 -5.85 -22.52
C VAL C 250 -12.23 -6.27 -21.52
N LEU C 251 -12.92 -5.27 -20.94
CA LEU C 251 -13.90 -5.55 -19.89
C LEU C 251 -15.13 -6.22 -20.48
N LEU C 252 -15.53 -7.36 -19.92
CA LEU C 252 -16.73 -8.07 -20.35
C LEU C 252 -17.97 -7.44 -19.71
N SER C 253 -19.06 -7.39 -20.47
CA SER C 253 -20.26 -6.71 -19.99
C SER C 253 -20.88 -7.39 -18.78
N ASP C 254 -20.55 -8.66 -18.55
CA ASP C 254 -21.01 -9.35 -17.34
C ASP C 254 -20.47 -8.73 -16.06
N SER C 255 -19.39 -7.94 -16.15
CA SER C 255 -18.80 -7.32 -14.97
C SER C 255 -19.80 -6.45 -14.22
N ASN C 256 -19.58 -6.29 -12.91
CA ASN C 256 -20.38 -5.36 -12.14
C ASN C 256 -20.12 -3.93 -12.55
N LEU C 257 -18.88 -3.63 -12.97
CA LEU C 257 -18.51 -2.31 -13.49
C LEU C 257 -19.03 -2.15 -14.90
N ASP C 258 -19.70 -1.03 -15.18
CA ASP C 258 -20.13 -0.72 -16.55
C ASP C 258 -18.92 -0.24 -17.33
N GLY C 259 -18.75 -0.72 -18.56
CA GLY C 259 -17.54 -0.39 -19.31
C GLY C 259 -17.59 0.87 -20.15
N THR C 260 -18.69 1.63 -20.12
CA THR C 260 -18.86 2.76 -21.04
C THR C 260 -17.73 3.76 -20.92
N TYR C 261 -17.31 4.08 -19.68
CA TYR C 261 -16.24 5.04 -19.45
C TYR C 261 -15.02 4.40 -18.81
N TRP C 262 -14.84 3.09 -18.97
CA TRP C 262 -13.63 2.40 -18.55
C TRP C 262 -12.66 2.43 -19.74
N ASN C 263 -11.60 3.24 -19.63
CA ASN C 263 -10.75 3.43 -20.80
C ASN C 263 -9.45 4.10 -20.35
N TYR C 264 -8.53 4.26 -21.28
CA TYR C 264 -7.29 4.95 -20.94
C TYR C 264 -7.53 6.43 -20.69
N ARG C 265 -6.77 6.98 -19.74
CA ARG C 265 -6.79 8.43 -19.49
C ARG C 265 -6.30 9.18 -20.73
N SER C 266 -7.03 10.24 -21.08
CA SER C 266 -6.66 11.09 -22.22
C SER C 266 -7.31 12.45 -22.06
N ILE C 271 -14.08 12.35 -26.33
CA ILE C 271 -14.43 11.64 -27.56
C ILE C 271 -13.30 10.69 -27.95
N GLY C 272 -13.53 9.39 -27.72
CA GLY C 272 -12.56 8.37 -28.05
C GLY C 272 -13.24 7.07 -28.42
N THR C 273 -12.45 6.06 -28.65
CA THR C 273 -12.92 4.74 -29.03
C THR C 273 -12.68 3.78 -27.86
N PRO C 274 -13.49 2.73 -27.69
CA PRO C 274 -13.18 1.75 -26.64
C PRO C 274 -11.80 1.17 -26.94
N TYR C 275 -11.04 0.90 -25.88
CA TYR C 275 -9.71 0.42 -26.18
C TYR C 275 -9.75 -1.00 -26.74
N LYS C 276 -8.74 -1.32 -27.54
CA LYS C 276 -8.62 -2.61 -28.19
C LYS C 276 -7.87 -3.62 -27.34
N GLU C 277 -6.87 -3.18 -26.59
CA GLU C 277 -6.11 -4.12 -25.78
C GLU C 277 -5.61 -3.46 -24.51
N ALA C 278 -5.54 -4.23 -23.44
CA ALA C 278 -4.92 -3.76 -22.20
C ALA C 278 -4.29 -4.94 -21.46
N VAL C 279 -3.61 -5.83 -22.19
CA VAL C 279 -3.10 -7.02 -21.52
C VAL C 279 -2.05 -6.64 -20.48
N GLY C 280 -1.25 -5.60 -20.76
CA GLY C 280 -0.25 -5.15 -19.80
C GLY C 280 -0.83 -4.63 -18.51
N PHE C 281 -2.15 -4.49 -18.42
CA PHE C 281 -2.80 -4.06 -17.20
C PHE C 281 -3.45 -5.21 -16.46
N MET C 282 -3.43 -6.42 -17.03
CA MET C 282 -4.11 -7.53 -16.43
C MET C 282 -3.25 -8.16 -15.33
N PRO C 283 -3.86 -8.72 -14.30
CA PRO C 283 -3.06 -9.44 -13.29
C PRO C 283 -2.50 -10.71 -13.88
N SER C 284 -1.21 -10.94 -13.62
CA SER C 284 -0.48 -12.06 -14.22
C SER C 284 -1.17 -13.37 -13.87
N THR C 285 -1.43 -14.21 -14.88
CA THR C 285 -1.91 -15.55 -14.56
C THR C 285 -0.79 -16.50 -14.15
N THR C 286 0.48 -16.10 -14.30
CA THR C 286 1.53 -16.88 -13.66
C THR C 286 1.66 -16.57 -12.17
N ALA C 287 1.66 -15.29 -11.78
CA ALA C 287 1.67 -14.95 -10.36
C ALA C 287 0.38 -15.38 -9.66
N TYR C 288 -0.75 -15.22 -10.35
CA TYR C 288 -2.09 -15.36 -9.77
C TYR C 288 -2.90 -16.28 -10.68
N PRO C 289 -2.62 -17.58 -10.65
CA PRO C 289 -3.32 -18.47 -11.58
C PRO C 289 -4.79 -18.66 -11.21
N LYS C 290 -5.60 -19.00 -12.20
CA LYS C 290 -6.98 -19.36 -11.94
C LYS C 290 -7.07 -20.68 -11.19
N PRO C 291 -8.18 -20.91 -10.49
CA PRO C 291 -8.40 -22.20 -9.85
C PRO C 291 -8.35 -23.33 -10.87
N THR C 292 -7.93 -24.51 -10.38
CA THR C 292 -7.86 -25.72 -11.18
C THR C 292 -8.83 -26.76 -10.63
N ASN C 293 -9.15 -27.73 -11.47
CA ASN C 293 -10.07 -28.83 -11.15
C ASN C 293 -9.33 -29.97 -10.44
N ASN C 294 -10.12 -30.91 -9.90
CA ASN C 294 -9.51 -32.17 -9.42
C ASN C 294 -8.67 -32.79 -10.52
N THR C 295 -9.14 -32.71 -11.76
CA THR C 295 -8.37 -33.18 -12.91
C THR C 295 -7.06 -32.43 -13.06
N SER C 296 -7.13 -31.09 -13.14
CA SER C 296 -6.00 -30.29 -13.57
C SER C 296 -5.12 -29.80 -12.41
N THR C 297 -5.39 -30.23 -11.18
CA THR C 297 -4.60 -29.82 -10.02
C THR C 297 -3.38 -30.73 -9.87
N ASP C 298 -2.19 -30.13 -9.82
CA ASP C 298 -0.94 -30.86 -9.62
C ASP C 298 -0.74 -31.16 -8.14
N PRO C 299 -0.83 -32.43 -7.73
CA PRO C 299 -0.66 -32.74 -6.30
C PRO C 299 0.75 -32.49 -5.76
N ASP C 300 1.75 -32.34 -6.64
CA ASP C 300 3.10 -32.02 -6.20
C ASP C 300 3.32 -30.53 -5.91
N LYS C 301 2.40 -29.64 -6.26
CA LYS C 301 2.59 -28.21 -6.03
C LYS C 301 1.54 -27.72 -5.05
N LYS C 302 1.98 -27.02 -4.02
CA LYS C 302 1.07 -26.36 -3.10
C LYS C 302 0.78 -24.97 -3.64
N VAL C 303 -0.47 -24.70 -3.98
CA VAL C 303 -0.84 -23.42 -4.58
C VAL C 303 -1.24 -22.46 -3.46
N SER C 304 -0.59 -21.31 -3.44
CA SER C 304 -0.97 -20.28 -2.50
C SER C 304 -2.42 -19.82 -2.69
N GLN C 305 -3.18 -19.82 -1.60
CA GLN C 305 -4.51 -19.22 -1.60
C GLN C 305 -4.50 -17.77 -1.19
N GLY C 306 -3.44 -17.35 -0.51
CA GLY C 306 -3.39 -15.95 -0.12
C GLY C 306 -2.84 -15.02 -1.18
N LYS C 307 -1.90 -15.49 -2.03
CA LYS C 307 -1.10 -14.55 -2.82
C LYS C 307 -1.95 -13.78 -3.82
N ASN C 308 -3.07 -14.36 -4.28
CA ASN C 308 -3.91 -13.66 -5.25
C ASN C 308 -4.91 -12.73 -4.60
N LYS C 309 -4.81 -12.51 -3.28
CA LYS C 309 -5.68 -11.58 -2.57
C LYS C 309 -4.85 -10.50 -1.87
N ILE C 310 -5.41 -9.31 -1.83
CA ILE C 310 -4.91 -8.21 -1.00
C ILE C 310 -6.05 -7.83 -0.08
N VAL C 311 -5.79 -7.76 1.22
CA VAL C 311 -6.85 -7.57 2.21
C VAL C 311 -6.44 -6.44 3.13
N SER C 312 -7.36 -5.49 3.34
CA SER C 312 -7.02 -4.41 4.25
C SER C 312 -8.29 -3.81 4.84
N ASN C 313 -8.12 -3.01 5.86
CA ASN C 313 -9.25 -2.18 6.26
C ASN C 313 -9.38 -0.98 5.33
N ILE C 314 -10.62 -0.52 5.15
CA ILE C 314 -10.89 0.81 4.64
C ILE C 314 -11.81 1.43 5.68
N TYR C 315 -12.11 2.73 5.54
CA TYR C 315 -12.79 3.43 6.63
C TYR C 315 -13.94 4.24 6.06
N LEU C 316 -15.14 3.99 6.56
CA LEU C 316 -16.32 4.57 5.95
C LEU C 316 -16.38 6.06 6.29
N GLY C 317 -16.55 6.89 5.26
CA GLY C 317 -16.44 8.31 5.50
C GLY C 317 -15.05 8.78 5.83
N GLY C 318 -14.05 7.89 5.73
CA GLY C 318 -12.71 8.21 6.19
C GLY C 318 -12.59 8.43 7.69
N GLU C 319 -13.55 7.95 8.47
CA GLU C 319 -13.54 8.13 9.92
C GLU C 319 -12.81 6.96 10.53
N VAL C 320 -11.88 7.25 11.46
CA VAL C 320 -11.05 6.19 12.03
C VAL C 320 -11.86 5.21 12.86
N TYR C 321 -13.06 5.60 13.32
CA TYR C 321 -13.90 4.73 14.12
C TYR C 321 -14.94 3.99 13.28
N GLN C 322 -14.86 4.06 11.95
CA GLN C 322 -15.79 3.34 11.08
C GLN C 322 -15.06 2.36 10.14
N PRO C 323 -14.31 1.40 10.68
CA PRO C 323 -13.65 0.43 9.82
C PRO C 323 -14.63 -0.42 9.01
N GLY C 324 -14.24 -0.68 7.77
CA GLY C 324 -14.80 -1.78 6.99
C GLY C 324 -13.62 -2.54 6.41
N PHE C 325 -13.85 -3.35 5.38
CA PHE C 325 -12.74 -4.03 4.76
C PHE C 325 -12.90 -4.09 3.25
N ILE C 326 -11.76 -4.26 2.59
CA ILE C 326 -11.70 -4.53 1.17
C ILE C 326 -10.86 -5.78 0.93
N VAL C 327 -11.30 -6.63 0.02
CA VAL C 327 -10.50 -7.75 -0.46
C VAL C 327 -10.38 -7.57 -1.96
N VAL C 328 -9.16 -7.46 -2.46
CA VAL C 328 -8.93 -7.46 -3.90
C VAL C 328 -8.47 -8.86 -4.26
N LYS C 329 -9.09 -9.46 -5.28
CA LYS C 329 -8.75 -10.83 -5.70
C LYS C 329 -8.40 -10.83 -7.17
N PHE C 330 -7.32 -11.52 -7.52
CA PHE C 330 -6.85 -11.56 -8.91
C PHE C 330 -7.09 -12.93 -9.52
N ASN C 331 -7.85 -12.94 -10.61
CA ASN C 331 -8.02 -14.10 -11.46
C ASN C 331 -8.73 -15.23 -10.74
N GLN C 332 -9.55 -14.92 -9.76
CA GLN C 332 -10.21 -15.98 -9.03
C GLN C 332 -11.60 -16.27 -9.56
N GLU C 333 -12.09 -15.51 -10.53
CA GLU C 333 -13.42 -15.78 -11.07
C GLU C 333 -13.32 -16.69 -12.29
N THR C 334 -14.43 -17.37 -12.56
CA THR C 334 -14.62 -18.09 -13.82
C THR C 334 -15.80 -17.53 -14.61
N ASP C 335 -16.52 -16.55 -14.08
CA ASP C 335 -17.69 -16.02 -14.76
C ASP C 335 -17.35 -15.54 -16.17
N ALA C 336 -18.28 -15.77 -17.08
CA ALA C 336 -18.20 -15.28 -18.45
C ALA C 336 -16.98 -15.81 -19.18
N ASN C 337 -16.44 -16.96 -18.75
CA ASN C 337 -15.20 -17.51 -19.31
C ASN C 337 -14.11 -16.44 -19.38
N CYS C 338 -14.03 -15.62 -18.34
CA CYS C 338 -13.01 -14.57 -18.32
C CYS C 338 -11.61 -15.16 -18.43
N ALA C 339 -10.74 -14.42 -19.13
CA ALA C 339 -9.31 -14.72 -19.15
C ALA C 339 -8.63 -14.19 -17.91
N TYR C 340 -9.07 -13.02 -17.43
CA TYR C 340 -8.51 -12.37 -16.24
C TYR C 340 -9.66 -11.80 -15.41
N SER C 341 -9.40 -11.56 -14.13
CA SER C 341 -10.43 -10.86 -13.36
C SER C 341 -9.77 -10.08 -12.23
N ILE C 342 -10.44 -9.01 -11.83
CA ILE C 342 -10.12 -8.32 -10.58
C ILE C 342 -11.43 -8.23 -9.83
N THR C 343 -11.47 -8.74 -8.62
CA THR C 343 -12.69 -8.74 -7.83
C THR C 343 -12.44 -7.87 -6.61
N PHE C 344 -13.41 -7.00 -6.30
CA PHE C 344 -13.37 -6.22 -5.06
C PHE C 344 -14.49 -6.71 -4.16
N ASP C 345 -14.11 -7.32 -3.04
CA ASP C 345 -15.08 -7.63 -1.99
C ASP C 345 -15.01 -6.52 -0.97
N PHE C 346 -16.15 -5.91 -0.69
CA PHE C 346 -16.23 -4.89 0.33
C PHE C 346 -17.17 -5.38 1.42
N GLY C 347 -16.86 -5.01 2.65
CA GLY C 347 -17.76 -5.40 3.73
C GLY C 347 -17.38 -4.67 4.99
N TRP C 348 -17.94 -5.16 6.10
CA TRP C 348 -17.61 -4.66 7.43
C TRP C 348 -17.93 -5.72 8.46
N GLY C 349 -17.37 -5.53 9.65
CA GLY C 349 -17.62 -6.43 10.76
C GLY C 349 -17.99 -5.72 12.04
N LYS C 350 -17.52 -4.51 12.24
CA LYS C 350 -17.84 -3.77 13.45
C LYS C 350 -19.33 -3.59 13.56
N VAL C 351 -19.84 -3.66 14.79
CA VAL C 351 -21.28 -3.47 14.99
C VAL C 351 -21.58 -1.98 14.91
N TYR C 352 -22.46 -1.60 13.99
CA TYR C 352 -22.92 -0.23 13.85
C TYR C 352 -24.39 -0.18 14.21
N LYS C 353 -24.69 0.42 15.36
CA LYS C 353 -26.09 0.58 15.75
C LYS C 353 -26.75 1.67 14.92
N ASP C 354 -26.09 2.78 14.78
CA ASP C 354 -26.58 3.93 14.02
C ASP C 354 -26.17 3.78 12.56
N PRO C 355 -27.09 3.92 11.60
CA PRO C 355 -26.74 3.61 10.21
C PRO C 355 -25.75 4.61 9.62
N ILE C 356 -24.83 4.11 8.80
CA ILE C 356 -23.83 4.99 8.18
C ILE C 356 -23.67 4.66 6.70
N PRO C 357 -23.35 5.66 5.89
CA PRO C 357 -23.16 5.44 4.45
C PRO C 357 -21.97 4.56 4.13
N TYR C 358 -22.16 3.65 3.15
CA TYR C 358 -21.04 2.83 2.69
C TYR C 358 -20.30 3.64 1.63
N ASP C 359 -19.31 4.39 2.10
CA ASP C 359 -18.64 5.42 1.32
C ASP C 359 -17.16 5.30 1.72
N THR C 360 -16.35 4.61 0.90
CA THR C 360 -15.06 4.17 1.43
C THR C 360 -13.96 5.19 1.24
N SER C 361 -13.01 5.14 2.17
CA SER C 361 -11.73 5.79 1.94
C SER C 361 -11.01 5.12 0.76
N SER C 362 -10.08 5.84 0.16
CA SER C 362 -9.35 5.30 -0.95
C SER C 362 -8.31 4.27 -0.49
N PHE C 363 -8.12 3.23 -1.30
CA PHE C 363 -7.16 2.17 -0.97
C PHE C 363 -6.18 2.01 -2.11
N THR C 364 -4.88 2.01 -1.77
CA THR C 364 -3.80 1.80 -2.73
C THR C 364 -3.34 0.34 -2.71
N PHE C 365 -3.08 -0.21 -3.90
CA PHE C 365 -2.48 -1.54 -3.93
C PHE C 365 -1.70 -1.68 -5.23
N SER C 366 -0.94 -2.77 -5.34
CA SER C 366 -0.22 -3.06 -6.57
C SER C 366 -0.29 -4.55 -6.85
N TYR C 367 -0.01 -4.93 -8.11
CA TYR C 367 0.02 -6.35 -8.41
C TYR C 367 0.94 -6.55 -9.61
N ILE C 368 1.39 -7.79 -9.77
CA ILE C 368 2.24 -8.15 -10.90
C ILE C 368 1.40 -8.23 -12.17
N ALA C 369 1.85 -7.53 -13.21
CA ALA C 369 1.12 -7.48 -14.49
C ALA C 369 1.42 -8.69 -15.37
N GLN C 370 0.47 -9.00 -16.26
CA GLN C 370 0.62 -10.15 -17.14
C GLN C 370 1.84 -10.01 -18.05
N GLU C 371 2.10 -8.79 -18.53
CA GLU C 371 3.23 -8.52 -19.40
C GLU C 371 3.60 -7.08 -19.30
#